data_6NZ0
#
_entry.id   6NZ0
#
_cell.length_a   1.00
_cell.length_b   1.00
_cell.length_c   1.00
_cell.angle_alpha   90.00
_cell.angle_beta   90.00
_cell.angle_gamma   90.00
#
_symmetry.space_group_name_H-M   'P 1'
#
loop_
_entity.id
_entity.type
_entity.pdbx_description
1 polymer 'Dyslexia-associated protein KIAA0319-like protein'
2 polymer 'Capsid protein VP1'
3 non-polymer 'MAGNESIUM ION'
4 water water
#
loop_
_entity_poly.entity_id
_entity_poly.type
_entity_poly.pdbx_seq_one_letter_code
_entity_poly.pdbx_strand_id
1 'polypeptide(L)'
;MASVSAGESVQITLPKNEVQLNAYVLQEPPKGETYTYDWQLITHPRDYSGEMEGKHSQILKLSKLTPGLYEFKVIVEGQN
AHGEGYVNVTVKPEPRKNRPPIAIVSPQFQEISLPTTSTVIDGSQSTDDDKIVQYHWEELKGPLREEKISEDTAILKLSK
LVPGNYTFSLTVVDSDGATNSTTANLTVNKAVDYPPVANAGPNQVITLPQNSITLFGNQSTDDHGITSYEWSLSPSSKGK
VVEMQGVRTPTLQLSAMQEGDYTYQLTVTDTIGQQATAQVTVIVQPENNK
;
Z
2 'polypeptide(L)'
;MAADGYLPDWLEDTLSEGIRQWWKLKPGPPPPKPAERHKDDSRGLVLPGYKYLGPFNGLDKGEPVNEADAAALEHDKAYD
RQLDSGDNPYLKYNHADAEFQERLKEDTSFGGNLGRAVFQAKKRVLEPLGLVEEPVKTAPGKKRPVEHSPVEPDSSSGTG
KAGQQPARKRLNFGQTGDADSVPDPQPLGQPPAAPSGLGTNTMATGSGAPMADNNEGADGVGNSSGNWHCDSTWMGDRVI
TTSTRTWALPTYNNHLYKQISSQSGASNDNHYFGYSTPWGYFDFNRFHCHFSPRDWQRLINNNWGFRPKRLNFKLFNIQV
KEVTQNDGTTTIANNLTSTVQVFTDSEYQLPYVLGSAHQGCLPPFPADVFMVPQYGYLTLNNGSQAVCRSSFYCLEYFPS
QMLRTGNNFTFSYTFEDVPFHSSYAHSQSLDRLMNPLIDQYLYYLSRTNTPSGTTTQSRLQFSQAGASDIRDQSRNWLPG
PCYRQQRVSKTSADNNNSEYSWTGATKYHLNGRDSLVNPGPAMASHKDDEEKFFPQSGVLIFGKQGSEKTNVDIEKVMIT
DEEEIRTTNPVATEQYGSVSTNLQRGNRQAATADVNTQGVLPGMVWQDRDVYLQGPIWAKIPHTDGHFHPSPLMGGFGLK
HPPPQILIKNTPVPANPSTTFSAAKFASFITQYSTGQVSVEIEWELQKENSKRWNPEIQYTSNYNKSVNVDFTVDTNGVY
SEPRPIGTRYLTRNL
;
A
#
loop_
_chem_comp.id
_chem_comp.type
_chem_comp.name
_chem_comp.formula
MG non-polymer 'MAGNESIUM ION' 'Mg 2'
#
# COMPACT_ATOMS: atom_id res chain seq x y z
N ASN A 98 -35.28 -0.59 -7.04
CA ASN A 98 -34.00 -0.12 -6.43
C ASN A 98 -34.20 1.15 -5.61
N ARG A 99 -33.17 1.54 -4.88
CA ARG A 99 -33.19 2.73 -4.06
C ARG A 99 -32.52 3.88 -4.81
N PRO A 100 -33.03 5.10 -4.66
CA PRO A 100 -32.43 6.25 -5.35
C PRO A 100 -31.04 6.59 -4.80
N PRO A 101 -30.16 7.16 -5.64
CA PRO A 101 -28.81 7.52 -5.21
C PRO A 101 -28.78 8.65 -4.18
N ILE A 102 -27.71 8.70 -3.40
CA ILE A 102 -27.55 9.76 -2.39
C ILE A 102 -26.38 10.65 -2.80
N ALA A 103 -26.65 11.93 -2.98
CA ALA A 103 -25.61 12.88 -3.37
C ALA A 103 -24.84 13.34 -2.12
N ILE A 104 -23.51 13.35 -2.21
CA ILE A 104 -22.66 13.77 -1.11
C ILE A 104 -21.58 14.73 -1.61
N VAL A 105 -21.32 15.79 -0.86
CA VAL A 105 -20.29 16.76 -1.22
C VAL A 105 -19.34 16.92 -0.03
N SER A 106 -18.05 16.72 -0.26
CA SER A 106 -17.07 16.82 0.82
C SER A 106 -17.15 18.15 1.57
N PRO A 107 -16.89 19.26 0.88
CA PRO A 107 -16.97 20.53 1.60
C PRO A 107 -18.33 21.21 1.37
N GLN A 108 -18.96 21.66 2.46
CA GLN A 108 -20.26 22.31 2.35
C GLN A 108 -20.21 23.79 2.74
N PHE A 109 -19.06 24.22 3.23
CA PHE A 109 -18.88 25.62 3.61
C PHE A 109 -17.51 26.16 3.18
N GLN A 110 -17.28 26.13 1.87
CA GLN A 110 -16.02 26.62 1.31
C GLN A 110 -15.74 28.05 1.76
N GLU A 111 -14.55 28.29 2.29
CA GLU A 111 -14.14 29.60 2.77
C GLU A 111 -12.81 30.01 2.12
N ILE A 112 -12.84 30.28 0.84
CA ILE A 112 -11.63 30.66 0.09
C ILE A 112 -11.66 32.15 -0.27
N SER A 113 -10.62 32.88 0.12
CA SER A 113 -10.53 34.30 -0.18
C SER A 113 -9.38 34.62 -1.13
N LEU A 114 -9.36 35.85 -1.65
CA LEU A 114 -8.31 36.28 -2.57
C LEU A 114 -6.98 36.44 -1.82
N PRO A 115 -5.84 36.37 -2.54
CA PRO A 115 -5.77 36.13 -3.99
C PRO A 115 -6.08 34.72 -4.50
N THR A 116 -6.35 33.78 -3.59
CA THR A 116 -6.67 32.43 -4.02
C THR A 116 -7.99 32.49 -4.78
N THR A 117 -7.95 32.11 -6.05
CA THR A 117 -9.13 32.15 -6.91
C THR A 117 -9.70 30.80 -7.32
N SER A 118 -9.06 29.72 -6.89
CA SER A 118 -9.55 28.38 -7.26
C SER A 118 -9.74 27.45 -6.06
N THR A 119 -10.93 26.87 -5.97
CA THR A 119 -11.27 25.93 -4.91
C THR A 119 -11.76 24.67 -5.61
N VAL A 120 -12.26 23.71 -4.85
CA VAL A 120 -12.75 22.46 -5.44
C VAL A 120 -13.80 21.78 -4.58
N ILE A 121 -14.83 21.22 -5.22
CA ILE A 121 -15.88 20.51 -4.53
C ILE A 121 -15.87 19.06 -4.98
N ASP A 122 -15.79 18.13 -4.04
CA ASP A 122 -15.76 16.71 -4.35
C ASP A 122 -17.15 16.08 -4.22
N GLY A 123 -17.61 15.42 -5.28
CA GLY A 123 -18.90 14.77 -5.25
C GLY A 123 -18.75 13.27 -5.46
N SER A 124 -17.51 12.83 -5.59
CA SER A 124 -17.18 11.43 -5.81
C SER A 124 -17.61 10.51 -4.65
N GLN A 125 -18.06 11.09 -3.55
CA GLN A 125 -18.49 10.30 -2.40
C GLN A 125 -19.95 9.89 -2.51
N SER A 126 -20.65 10.44 -3.51
CA SER A 126 -22.06 10.11 -3.72
C SER A 126 -22.20 8.59 -3.83
N THR A 127 -23.20 8.03 -3.16
CA THR A 127 -23.38 6.59 -3.15
C THR A 127 -24.79 6.07 -3.41
N ASP A 128 -24.90 4.87 -3.98
CA ASP A 128 -26.18 4.23 -4.23
C ASP A 128 -26.01 2.72 -4.39
N ASP A 129 -27.07 1.96 -4.16
CA ASP A 129 -27.02 0.50 -4.25
C ASP A 129 -26.32 0.00 -5.50
N ASP A 130 -26.76 0.46 -6.67
CA ASP A 130 -26.14 0.06 -7.92
C ASP A 130 -25.11 1.17 -8.18
N LYS A 131 -24.71 1.42 -9.42
CA LYS A 131 -23.75 2.50 -9.62
C LYS A 131 -24.35 3.79 -10.19
N ILE A 132 -23.66 4.90 -9.94
CA ILE A 132 -24.10 6.20 -10.45
C ILE A 132 -23.57 6.34 -11.86
N VAL A 133 -24.43 6.78 -12.79
CA VAL A 133 -24.02 6.91 -14.17
C VAL A 133 -23.87 8.35 -14.67
N GLN A 134 -24.27 9.32 -13.84
CA GLN A 134 -24.16 10.70 -14.27
C GLN A 134 -24.01 11.70 -13.12
N TYR A 135 -23.09 12.64 -13.31
CA TYR A 135 -22.83 13.69 -12.33
C TYR A 135 -23.17 15.02 -13.01
N HIS A 136 -23.87 15.89 -12.30
CA HIS A 136 -24.25 17.18 -12.87
C HIS A 136 -24.14 18.32 -11.87
N TRP A 137 -23.24 19.25 -12.13
CA TRP A 137 -23.05 20.40 -11.25
C TRP A 137 -23.74 21.62 -11.84
N GLU A 138 -24.31 22.45 -10.96
CA GLU A 138 -24.99 23.66 -11.39
C GLU A 138 -24.89 24.76 -10.34
N GLU A 139 -24.56 25.97 -10.79
CA GLU A 139 -24.47 27.10 -9.88
C GLU A 139 -25.86 27.70 -9.76
N LEU A 140 -26.49 27.53 -8.60
CA LEU A 140 -27.83 28.06 -8.38
C LEU A 140 -27.79 29.59 -8.28
N LYS A 141 -26.71 30.11 -7.70
CA LYS A 141 -26.55 31.55 -7.55
C LYS A 141 -25.08 31.93 -7.37
N GLY A 142 -24.78 33.21 -7.56
CA GLY A 142 -23.41 33.68 -7.42
C GLY A 142 -23.14 34.97 -8.16
N PRO A 143 -21.92 35.51 -8.07
CA PRO A 143 -21.52 36.76 -8.73
C PRO A 143 -21.69 36.68 -10.25
N LEU A 144 -22.40 37.67 -10.80
CA LEU A 144 -22.64 37.72 -12.24
C LEU A 144 -21.32 37.79 -13.00
N ARG A 145 -20.95 36.68 -13.63
CA ARG A 145 -19.71 36.61 -14.40
C ARG A 145 -19.88 35.65 -15.58
N GLU A 146 -18.81 35.44 -16.34
CA GLU A 146 -18.87 34.57 -17.51
C GLU A 146 -18.31 33.16 -17.29
N GLU A 147 -17.22 33.05 -16.54
CA GLU A 147 -16.58 31.76 -16.28
C GLU A 147 -17.45 30.82 -15.45
N LYS A 148 -18.29 30.04 -16.13
CA LYS A 148 -19.15 29.06 -15.47
C LYS A 148 -18.63 27.68 -15.78
N ILE A 149 -18.96 26.71 -14.93
CA ILE A 149 -18.48 25.34 -15.13
C ILE A 149 -19.55 24.43 -15.70
N SER A 150 -20.67 24.27 -14.98
CA SER A 150 -21.77 23.42 -15.41
C SER A 150 -21.24 22.16 -16.11
N GLU A 151 -20.40 21.40 -15.40
CA GLU A 151 -19.81 20.19 -15.98
C GLU A 151 -20.44 18.89 -15.47
N ASP A 152 -19.99 17.78 -16.04
CA ASP A 152 -20.50 16.46 -15.69
C ASP A 152 -19.44 15.55 -15.06
N THR A 153 -18.56 16.13 -14.25
CA THR A 153 -17.51 15.34 -13.59
C THR A 153 -17.82 15.12 -12.12
N ALA A 154 -17.17 14.11 -11.53
CA ALA A 154 -17.35 13.79 -10.12
C ALA A 154 -16.79 14.91 -9.25
N ILE A 155 -15.53 15.25 -9.49
CA ILE A 155 -14.86 16.31 -8.73
C ILE A 155 -14.95 17.63 -9.50
N LEU A 156 -15.58 18.62 -8.88
CA LEU A 156 -15.74 19.94 -9.51
C LEU A 156 -14.56 20.87 -9.25
N LYS A 157 -14.02 21.43 -10.33
CA LYS A 157 -12.89 22.36 -10.23
C LYS A 157 -13.33 23.79 -10.56
N LEU A 158 -13.34 24.64 -9.55
CA LEU A 158 -13.73 26.04 -9.74
C LEU A 158 -12.50 26.93 -9.78
N SER A 159 -12.43 27.77 -10.80
CA SER A 159 -11.31 28.69 -10.97
C SER A 159 -11.83 30.07 -11.35
N LYS A 160 -10.95 31.06 -11.31
CA LYS A 160 -11.31 32.43 -11.67
C LYS A 160 -12.54 32.88 -10.88
N LEU A 161 -12.50 32.63 -9.57
CA LEU A 161 -13.61 32.99 -8.70
C LEU A 161 -13.47 34.39 -8.10
N VAL A 162 -14.42 35.26 -8.44
CA VAL A 162 -14.43 36.62 -7.92
C VAL A 162 -15.10 36.59 -6.55
N PRO A 163 -14.86 37.61 -5.72
CA PRO A 163 -15.48 37.63 -4.38
C PRO A 163 -17.01 37.59 -4.39
N GLY A 164 -17.59 36.95 -3.37
CA GLY A 164 -19.04 36.85 -3.27
C GLY A 164 -19.49 35.51 -2.70
N ASN A 165 -20.79 35.23 -2.82
CA ASN A 165 -21.35 33.99 -2.32
C ASN A 165 -21.81 33.09 -3.46
N TYR A 166 -21.52 31.80 -3.34
CA TYR A 166 -21.89 30.82 -4.36
C TYR A 166 -22.68 29.67 -3.77
N THR A 167 -23.45 29.00 -4.62
CA THR A 167 -24.24 27.85 -4.22
C THR A 167 -24.32 26.91 -5.41
N PHE A 168 -23.75 25.72 -5.25
CA PHE A 168 -23.72 24.72 -6.31
C PHE A 168 -24.60 23.54 -5.96
N SER A 169 -25.38 23.08 -6.94
CA SER A 169 -26.25 21.94 -6.74
C SER A 169 -25.74 20.73 -7.51
N LEU A 170 -25.44 19.66 -6.78
CA LEU A 170 -24.95 18.43 -7.39
C LEU A 170 -26.10 17.45 -7.57
N THR A 171 -26.21 16.90 -8.77
CA THR A 171 -27.27 15.94 -9.07
C THR A 171 -26.68 14.66 -9.66
N VAL A 172 -26.91 13.53 -8.99
CA VAL A 172 -26.41 12.26 -9.48
C VAL A 172 -27.56 11.43 -10.04
N VAL A 173 -27.26 10.62 -11.05
CA VAL A 173 -28.28 9.79 -11.68
C VAL A 173 -27.97 8.30 -11.60
N ASP A 174 -29.04 7.54 -11.36
CA ASP A 174 -29.02 6.09 -11.22
C ASP A 174 -28.88 5.42 -12.58
N SER A 175 -28.85 4.09 -12.58
CA SER A 175 -28.77 3.31 -13.82
C SER A 175 -30.22 3.10 -14.27
N ASP A 176 -31.14 3.39 -13.37
CA ASP A 176 -32.57 3.26 -13.62
C ASP A 176 -33.16 4.61 -14.01
N GLY A 177 -32.47 5.68 -13.63
CA GLY A 177 -32.94 7.02 -13.95
C GLY A 177 -33.30 7.81 -12.70
N ALA A 178 -33.16 7.18 -11.54
CA ALA A 178 -33.45 7.85 -10.27
C ALA A 178 -32.38 8.90 -10.00
N THR A 179 -32.78 10.02 -9.39
CA THR A 179 -31.85 11.09 -9.11
C THR A 179 -31.95 11.63 -7.68
N ASN A 180 -30.98 12.46 -7.32
CA ASN A 180 -30.94 13.09 -6.00
C ASN A 180 -30.03 14.30 -6.09
N SER A 181 -30.32 15.33 -5.30
CA SER A 181 -29.52 16.54 -5.33
C SER A 181 -29.10 16.99 -3.95
N THR A 182 -28.02 17.75 -3.90
CA THR A 182 -27.49 18.30 -2.65
C THR A 182 -26.76 19.60 -2.99
N THR A 183 -26.86 20.58 -2.10
CA THR A 183 -26.23 21.88 -2.32
C THR A 183 -24.91 22.10 -1.58
N ALA A 184 -24.04 22.90 -2.20
CA ALA A 184 -22.74 23.23 -1.64
C ALA A 184 -22.61 24.75 -1.53
N ASN A 185 -21.96 25.23 -0.48
CA ASN A 185 -21.78 26.66 -0.27
C ASN A 185 -20.31 27.07 -0.42
N LEU A 186 -20.10 28.18 -1.11
CA LEU A 186 -18.76 28.72 -1.33
C LEU A 186 -18.74 30.22 -1.09
N THR A 187 -17.72 30.69 -0.40
CA THR A 187 -17.57 32.11 -0.12
C THR A 187 -16.17 32.57 -0.50
N VAL A 188 -16.10 33.55 -1.41
CA VAL A 188 -14.83 34.09 -1.86
C VAL A 188 -14.68 35.52 -1.36
N ASN A 189 -13.84 35.70 -0.35
CA ASN A 189 -13.62 37.03 0.22
C ASN A 189 -12.47 37.74 -0.48
N LYS A 190 -12.51 39.06 -0.50
CA LYS A 190 -11.45 39.84 -1.12
C LYS A 190 -10.31 39.92 -0.10
N ALA A 191 -9.12 40.27 -0.55
CA ALA A 191 -7.97 40.36 0.34
C ALA A 191 -8.26 41.26 1.54
N VAL A 192 -7.35 41.23 2.53
CA VAL A 192 -7.50 42.03 3.73
C VAL A 192 -6.45 43.13 3.81
N ASP B 237 26.29 -17.66 5.01
CA ASP B 237 25.45 -17.31 3.82
C ASP B 237 24.03 -17.86 3.92
N ARG B 238 23.65 -18.31 5.11
CA ARG B 238 22.31 -18.84 5.37
C ARG B 238 21.88 -18.51 6.78
N VAL B 239 20.60 -18.26 6.95
CA VAL B 239 20.06 -18.01 8.27
C VAL B 239 18.67 -18.65 8.28
N ILE B 240 18.40 -19.46 9.29
CA ILE B 240 17.12 -20.14 9.40
C ILE B 240 16.29 -19.57 10.54
N THR B 241 15.12 -19.07 10.21
CA THR B 241 14.24 -18.53 11.22
C THR B 241 13.19 -19.61 11.52
N THR B 242 12.69 -19.64 12.73
CA THR B 242 11.67 -20.62 13.12
C THR B 242 10.72 -19.91 14.05
N SER B 243 9.43 -20.07 13.80
CA SER B 243 8.42 -19.42 14.62
C SER B 243 7.26 -20.34 14.92
N THR B 244 6.91 -20.43 16.20
CA THR B 244 5.81 -21.26 16.63
C THR B 244 4.83 -20.35 17.35
N ARG B 245 3.54 -20.55 17.08
CA ARG B 245 2.50 -19.76 17.71
C ARG B 245 1.29 -20.63 17.99
N THR B 246 0.40 -20.11 18.85
CA THR B 246 -0.83 -20.81 19.19
C THR B 246 -1.97 -20.04 18.52
N TRP B 247 -2.80 -20.74 17.75
CA TRP B 247 -3.92 -20.11 17.07
C TRP B 247 -5.26 -20.65 17.56
N ALA B 248 -6.31 -19.89 17.31
CA ALA B 248 -7.67 -20.29 17.66
C ALA B 248 -8.51 -20.03 16.40
N LEU B 249 -9.22 -21.06 15.95
CA LEU B 249 -10.07 -20.95 14.77
C LEU B 249 -11.54 -21.11 15.13
N PRO B 250 -12.35 -20.05 14.98
CA PRO B 250 -13.78 -20.19 15.30
C PRO B 250 -14.50 -20.76 14.07
N THR B 251 -15.80 -20.97 14.15
CA THR B 251 -16.47 -21.40 12.93
C THR B 251 -16.96 -20.09 12.35
N TYR B 252 -16.68 -19.87 11.07
CA TYR B 252 -17.09 -18.65 10.41
C TYR B 252 -18.37 -18.80 9.63
N ASN B 253 -19.17 -17.75 9.56
CA ASN B 253 -20.38 -17.76 8.76
C ASN B 253 -21.38 -18.83 9.17
N ASN B 254 -21.11 -19.49 10.29
CA ASN B 254 -21.96 -20.57 10.75
C ASN B 254 -21.94 -21.68 9.69
N HIS B 255 -20.77 -21.85 9.07
CA HIS B 255 -20.49 -22.89 8.05
C HIS B 255 -20.93 -22.58 6.62
N LEU B 256 -21.55 -21.42 6.41
CA LEU B 256 -22.06 -21.03 5.11
C LEU B 256 -21.12 -20.20 4.22
N TYR B 257 -21.41 -20.20 2.92
CA TYR B 257 -20.69 -19.37 1.96
C TYR B 257 -21.73 -18.31 1.72
N LYS B 258 -21.34 -17.06 1.69
CA LYS B 258 -22.33 -16.03 1.48
C LYS B 258 -21.83 -15.07 0.42
N GLN B 259 -22.75 -14.51 -0.34
CA GLN B 259 -22.38 -13.53 -1.34
C GLN B 259 -22.32 -12.22 -0.60
N ILE B 260 -21.27 -11.43 -0.85
CA ILE B 260 -21.13 -10.14 -0.21
C ILE B 260 -20.90 -9.10 -1.26
N SER B 261 -21.40 -7.90 -1.03
CA SER B 261 -21.22 -6.85 -1.99
C SER B 261 -21.42 -5.52 -1.30
N SER B 262 -21.23 -4.44 -2.05
CA SER B 262 -21.40 -3.10 -1.52
C SER B 262 -22.84 -2.66 -1.80
N GLN B 263 -23.67 -3.62 -2.19
CA GLN B 263 -25.07 -3.38 -2.55
C GLN B 263 -25.95 -2.64 -1.54
N SER B 264 -25.34 -2.10 -0.49
CA SER B 264 -26.07 -1.33 0.51
C SER B 264 -25.88 0.14 0.15
N GLY B 265 -25.13 0.38 -0.92
CA GLY B 265 -24.88 1.73 -1.36
C GLY B 265 -23.45 2.14 -1.08
N ALA B 266 -22.73 2.50 -2.14
CA ALA B 266 -21.34 2.94 -2.02
C ALA B 266 -21.01 3.84 -3.20
N SER B 267 -19.82 4.42 -3.18
CA SER B 267 -19.38 5.27 -4.27
C SER B 267 -18.94 4.32 -5.39
N ASN B 268 -18.79 4.85 -6.60
CA ASN B 268 -18.37 4.00 -7.71
C ASN B 268 -17.00 3.40 -7.44
N ASP B 269 -16.14 4.15 -6.75
CA ASP B 269 -14.80 3.67 -6.44
C ASP B 269 -14.77 2.62 -5.33
N ASN B 270 -15.86 2.52 -4.58
CA ASN B 270 -15.92 1.57 -3.48
C ASN B 270 -16.80 0.35 -3.69
N HIS B 271 -17.43 0.21 -4.86
CA HIS B 271 -18.28 -0.93 -5.12
C HIS B 271 -17.50 -2.21 -5.26
N TYR B 272 -18.10 -3.32 -4.86
CA TYR B 272 -17.44 -4.61 -4.98
C TYR B 272 -18.48 -5.69 -4.97
N PHE B 273 -18.03 -6.92 -5.22
CA PHE B 273 -18.89 -8.09 -5.24
C PHE B 273 -17.98 -9.28 -5.00
N GLY B 274 -18.34 -10.15 -4.06
CA GLY B 274 -17.49 -11.29 -3.81
C GLY B 274 -18.15 -12.29 -2.90
N TYR B 275 -17.36 -13.16 -2.27
CA TYR B 275 -17.88 -14.17 -1.38
C TYR B 275 -17.12 -14.31 -0.09
N SER B 276 -17.84 -14.44 1.03
CA SER B 276 -17.16 -14.68 2.29
C SER B 276 -17.30 -16.18 2.43
N THR B 277 -16.24 -16.86 2.84
CA THR B 277 -16.28 -18.30 3.00
C THR B 277 -16.25 -18.66 4.46
N PRO B 278 -16.45 -19.95 4.78
CA PRO B 278 -16.43 -20.41 6.17
C PRO B 278 -15.00 -20.81 6.57
N TRP B 279 -14.06 -20.65 5.67
CA TRP B 279 -12.68 -21.04 5.95
C TRP B 279 -11.85 -19.91 6.55
N GLY B 280 -10.75 -20.31 7.18
CA GLY B 280 -9.80 -19.37 7.74
C GLY B 280 -8.52 -19.67 7.01
N TYR B 281 -7.50 -18.82 7.11
CA TYR B 281 -6.25 -19.12 6.42
C TYR B 281 -5.05 -18.62 7.22
N PHE B 282 -3.88 -19.17 6.94
CA PHE B 282 -2.69 -18.77 7.68
C PHE B 282 -1.84 -17.74 6.96
N ASP B 283 -1.61 -16.64 7.65
CA ASP B 283 -0.81 -15.56 7.10
C ASP B 283 0.46 -15.29 7.87
N PHE B 284 1.61 -15.53 7.25
CA PHE B 284 2.89 -15.25 7.88
C PHE B 284 3.71 -14.40 6.91
N ASN B 285 3.04 -13.50 6.22
CA ASN B 285 3.68 -12.64 5.22
C ASN B 285 4.11 -11.27 5.73
N ARG B 286 4.90 -11.27 6.79
CA ARG B 286 5.46 -10.05 7.37
C ARG B 286 6.77 -10.52 7.94
N PHE B 287 7.78 -9.67 7.92
CA PHE B 287 9.09 -10.09 8.40
C PHE B 287 9.13 -10.40 9.88
N HIS B 288 8.36 -9.68 10.69
CA HIS B 288 8.32 -9.92 12.11
C HIS B 288 7.63 -11.25 12.53
N CYS B 289 7.04 -11.98 11.59
CA CYS B 289 6.42 -13.25 11.99
C CYS B 289 7.60 -14.27 12.01
N HIS B 290 8.77 -13.85 11.50
CA HIS B 290 9.95 -14.73 11.41
C HIS B 290 11.22 -14.25 12.09
N PHE B 291 11.46 -12.94 12.04
CA PHE B 291 12.66 -12.35 12.64
C PHE B 291 12.35 -11.64 13.93
N SER B 292 13.14 -11.94 14.96
CA SER B 292 13.00 -11.21 16.22
C SER B 292 13.72 -9.90 15.90
N PRO B 293 13.48 -8.82 16.66
CA PRO B 293 14.15 -7.55 16.38
C PRO B 293 15.67 -7.67 16.37
N ARG B 294 16.23 -8.44 17.29
CA ARG B 294 17.67 -8.66 17.37
C ARG B 294 18.16 -9.40 16.12
N ASP B 295 17.36 -10.33 15.62
CA ASP B 295 17.70 -11.08 14.41
C ASP B 295 17.74 -10.17 13.19
N TRP B 296 16.83 -9.20 13.18
CA TRP B 296 16.70 -8.25 12.12
C TRP B 296 17.93 -7.35 12.09
N GLN B 297 18.35 -6.89 13.27
CA GLN B 297 19.53 -6.06 13.42
C GLN B 297 20.77 -6.84 12.93
N ARG B 298 20.86 -8.11 13.30
CA ARG B 298 21.99 -8.92 12.88
C ARG B 298 22.01 -9.02 11.36
N LEU B 299 20.82 -9.12 10.77
CA LEU B 299 20.70 -9.23 9.33
C LEU B 299 21.08 -7.93 8.60
N ILE B 300 20.48 -6.82 9.00
CA ILE B 300 20.72 -5.54 8.34
C ILE B 300 22.08 -4.87 8.58
N ASN B 301 22.75 -5.19 9.67
CA ASN B 301 24.05 -4.56 9.93
C ASN B 301 25.17 -5.37 9.29
N ASN B 302 24.86 -6.54 8.75
CA ASN B 302 25.90 -7.36 8.20
C ASN B 302 25.75 -7.90 6.80
N ASN B 303 24.65 -7.60 6.15
CA ASN B 303 24.45 -8.16 4.82
C ASN B 303 24.05 -7.17 3.79
N TRP B 304 24.51 -7.40 2.57
CA TRP B 304 24.16 -6.51 1.48
C TRP B 304 22.88 -6.98 0.84
N GLY B 305 22.56 -8.26 1.02
CA GLY B 305 21.32 -8.75 0.46
C GLY B 305 20.86 -10.04 1.10
N PHE B 306 19.63 -10.40 0.83
CA PHE B 306 19.07 -11.64 1.36
C PHE B 306 17.81 -11.91 0.58
N ARG B 307 17.43 -13.18 0.50
CA ARG B 307 16.22 -13.59 -0.19
C ARG B 307 15.81 -14.95 0.39
N PRO B 308 14.51 -15.27 0.38
CA PRO B 308 13.99 -16.54 0.91
C PRO B 308 14.33 -17.73 0.03
N LYS B 309 14.64 -18.87 0.63
CA LYS B 309 15.00 -20.07 -0.14
C LYS B 309 13.96 -21.17 -0.03
N ARG B 310 13.62 -21.55 1.20
CA ARG B 310 12.64 -22.58 1.40
C ARG B 310 11.88 -22.38 2.69
N LEU B 311 10.78 -23.10 2.84
CA LEU B 311 10.01 -23.00 4.07
C LEU B 311 9.35 -24.32 4.41
N ASN B 312 9.12 -24.51 5.70
CA ASN B 312 8.50 -25.71 6.20
C ASN B 312 7.40 -25.18 7.10
N PHE B 313 6.19 -25.67 6.90
CA PHE B 313 5.05 -25.20 7.67
C PHE B 313 4.37 -26.38 8.39
N LYS B 314 4.06 -26.20 9.67
CA LYS B 314 3.44 -27.26 10.44
C LYS B 314 2.26 -26.87 11.29
N LEU B 315 1.35 -27.81 11.46
CA LEU B 315 0.18 -27.62 12.33
C LEU B 315 0.22 -28.85 13.23
N PHE B 316 0.21 -28.64 14.53
CA PHE B 316 0.23 -29.77 15.45
C PHE B 316 -0.49 -29.42 16.73
N ASN B 317 -0.63 -30.42 17.61
CA ASN B 317 -1.32 -30.29 18.90
C ASN B 317 -2.69 -29.64 18.69
N ILE B 318 -3.42 -30.18 17.73
CA ILE B 318 -4.74 -29.67 17.40
C ILE B 318 -5.80 -30.21 18.34
N GLN B 319 -6.68 -29.34 18.79
CA GLN B 319 -7.75 -29.78 19.65
C GLN B 319 -9.04 -29.03 19.38
N VAL B 320 -10.12 -29.79 19.25
CA VAL B 320 -11.44 -29.22 19.00
C VAL B 320 -12.22 -29.16 20.30
N LYS B 321 -12.86 -28.03 20.55
CA LYS B 321 -13.63 -27.85 21.76
C LYS B 321 -15.09 -27.58 21.42
N GLU B 322 -16.02 -28.18 22.16
CA GLU B 322 -17.44 -27.93 21.92
C GLU B 322 -17.97 -27.04 23.03
N VAL B 323 -18.69 -25.99 22.63
CA VAL B 323 -19.25 -25.02 23.56
C VAL B 323 -20.76 -25.13 23.70
N THR B 324 -21.22 -25.38 24.93
CA THR B 324 -22.65 -25.49 25.19
C THR B 324 -23.07 -24.52 26.28
N GLN B 325 -24.09 -23.72 26.00
CA GLN B 325 -24.56 -22.75 26.98
C GLN B 325 -25.93 -23.10 27.56
N ASN B 326 -25.96 -23.35 28.87
CA ASN B 326 -27.20 -23.69 29.56
C ASN B 326 -27.35 -22.79 30.79
N ASP B 327 -28.55 -22.27 30.98
CA ASP B 327 -28.85 -21.37 32.12
C ASP B 327 -27.89 -20.20 32.23
N GLY B 328 -27.59 -19.57 31.10
CA GLY B 328 -26.69 -18.42 31.09
C GLY B 328 -25.27 -18.71 31.57
N THR B 329 -24.78 -19.92 31.28
CA THR B 329 -23.43 -20.32 31.66
C THR B 329 -22.73 -20.94 30.45
N THR B 330 -21.40 -20.91 30.44
CA THR B 330 -20.63 -21.47 29.33
C THR B 330 -19.77 -22.66 29.74
N THR B 331 -19.96 -23.77 29.02
CA THR B 331 -19.20 -25.00 29.28
C THR B 331 -18.43 -25.37 28.03
N ILE B 332 -17.15 -25.67 28.19
CA ILE B 332 -16.30 -26.07 27.07
C ILE B 332 -15.74 -27.46 27.30
N ALA B 333 -15.86 -28.33 26.31
CA ALA B 333 -15.36 -29.70 26.44
C ALA B 333 -14.60 -30.15 25.21
N ASN B 334 -13.74 -31.13 25.38
CA ASN B 334 -12.92 -31.64 24.29
C ASN B 334 -13.59 -32.75 23.50
N ASN B 335 -13.47 -32.67 22.18
CA ASN B 335 -14.04 -33.68 21.30
C ASN B 335 -12.88 -34.27 20.54
N LEU B 336 -12.60 -35.55 20.78
CA LEU B 336 -11.48 -36.20 20.11
C LEU B 336 -11.90 -36.79 18.78
N THR B 337 -13.21 -36.78 18.52
CA THR B 337 -13.72 -37.34 17.27
C THR B 337 -13.88 -36.32 16.14
N SER B 338 -14.06 -35.05 16.49
CA SER B 338 -14.23 -34.01 15.47
C SER B 338 -12.92 -33.74 14.74
N THR B 339 -13.05 -33.21 13.54
CA THR B 339 -11.88 -32.90 12.73
C THR B 339 -11.79 -31.43 12.35
N VAL B 340 -10.70 -31.12 11.66
CA VAL B 340 -10.42 -29.80 11.15
C VAL B 340 -9.97 -30.14 9.73
N GLN B 341 -10.37 -29.35 8.74
CA GLN B 341 -9.97 -29.64 7.36
C GLN B 341 -8.93 -28.64 6.90
N VAL B 342 -7.87 -29.16 6.30
CA VAL B 342 -6.80 -28.32 5.83
C VAL B 342 -6.59 -28.47 4.34
N PHE B 343 -6.74 -27.37 3.64
CA PHE B 343 -6.55 -27.34 2.21
C PHE B 343 -5.37 -26.42 1.84
N THR B 344 -4.36 -26.97 1.18
CA THR B 344 -3.24 -26.15 0.74
C THR B 344 -3.39 -25.96 -0.77
N ASP B 345 -3.63 -24.72 -1.18
CA ASP B 345 -3.83 -24.38 -2.58
C ASP B 345 -2.54 -24.25 -3.40
N SER B 346 -1.84 -25.36 -3.57
CA SER B 346 -0.58 -25.37 -4.30
C SER B 346 -0.66 -25.19 -5.81
N GLU B 347 -1.86 -25.24 -6.37
CA GLU B 347 -2.05 -25.06 -7.80
C GLU B 347 -2.63 -23.68 -8.10
N TYR B 348 -2.67 -22.83 -7.08
CA TYR B 348 -3.15 -21.46 -7.18
C TYR B 348 -4.49 -21.29 -7.89
N GLN B 349 -5.43 -22.18 -7.59
CA GLN B 349 -6.74 -22.12 -8.22
C GLN B 349 -7.72 -21.17 -7.56
N LEU B 350 -7.42 -20.71 -6.35
CA LEU B 350 -8.29 -19.78 -5.64
C LEU B 350 -7.73 -18.38 -5.67
N PRO B 351 -8.59 -17.36 -5.57
CA PRO B 351 -8.06 -15.99 -5.57
C PRO B 351 -7.04 -15.85 -4.42
N TYR B 352 -5.84 -15.38 -4.74
CA TYR B 352 -4.75 -15.22 -3.77
C TYR B 352 -4.95 -13.89 -3.05
N VAL B 353 -5.18 -13.93 -1.74
CA VAL B 353 -5.41 -12.71 -0.99
C VAL B 353 -4.24 -12.32 -0.09
N LEU B 354 -3.24 -13.18 0.03
CA LEU B 354 -2.06 -12.84 0.80
C LEU B 354 -1.43 -11.85 -0.17
N GLY B 355 -0.72 -10.84 0.33
CA GLY B 355 -0.17 -9.90 -0.63
C GLY B 355 -0.99 -8.64 -0.73
N SER B 356 -1.95 -8.48 0.16
CA SER B 356 -2.76 -7.27 0.15
C SER B 356 -2.67 -6.58 1.50
N ALA B 357 -1.56 -6.84 2.20
CA ALA B 357 -1.29 -6.27 3.52
C ALA B 357 -2.46 -6.35 4.52
N HIS B 358 -3.03 -7.53 4.71
CA HIS B 358 -4.13 -7.67 5.65
C HIS B 358 -3.65 -7.98 7.05
N GLN B 359 -4.42 -7.58 8.04
CA GLN B 359 -4.04 -7.83 9.40
C GLN B 359 -4.55 -9.11 10.03
N GLY B 360 -3.68 -10.13 10.11
CA GLY B 360 -3.99 -11.39 10.73
C GLY B 360 -2.83 -12.40 10.78
N CYS B 361 -1.55 -11.96 10.75
CA CYS B 361 -0.42 -12.92 10.78
C CYS B 361 -0.12 -13.43 12.16
N LEU B 362 0.89 -14.29 12.22
CA LEU B 362 1.36 -14.83 13.46
C LEU B 362 1.85 -13.57 14.15
N PRO B 363 1.45 -13.33 15.41
CA PRO B 363 1.90 -12.13 16.11
C PRO B 363 3.42 -12.02 16.16
N PRO B 364 3.97 -10.79 16.17
CA PRO B 364 5.44 -10.69 16.23
C PRO B 364 6.02 -11.26 17.54
N PHE B 365 5.34 -11.05 18.66
CA PHE B 365 5.80 -11.58 19.94
C PHE B 365 5.31 -13.02 20.07
N PRO B 366 6.23 -13.99 20.20
CA PRO B 366 5.95 -15.43 20.31
C PRO B 366 5.00 -15.93 21.37
N ALA B 367 4.67 -15.11 22.36
CA ALA B 367 3.77 -15.56 23.43
C ALA B 367 2.33 -15.13 23.19
N ASP B 368 2.08 -14.41 22.09
CA ASP B 368 0.73 -13.97 21.76
C ASP B 368 -0.04 -15.08 21.05
N VAL B 369 -1.32 -15.19 21.38
CA VAL B 369 -2.19 -16.18 20.77
C VAL B 369 -3.06 -15.43 19.75
N PHE B 370 -3.20 -15.96 18.56
CA PHE B 370 -4.00 -15.22 17.58
C PHE B 370 -5.19 -15.97 17.00
N MET B 371 -6.17 -15.20 16.56
CA MET B 371 -7.34 -15.73 15.90
C MET B 371 -7.01 -15.87 14.40
N VAL B 372 -7.29 -17.01 13.81
CA VAL B 372 -7.07 -17.24 12.38
C VAL B 372 -8.10 -16.38 11.60
N PRO B 373 -7.64 -15.60 10.61
CA PRO B 373 -8.56 -14.75 9.82
C PRO B 373 -9.49 -15.51 8.84
N GLN B 374 -10.67 -14.94 8.60
CA GLN B 374 -11.62 -15.55 7.67
C GLN B 374 -11.25 -15.28 6.21
N TYR B 375 -11.32 -16.31 5.38
CA TYR B 375 -11.02 -16.17 3.97
C TYR B 375 -12.22 -15.69 3.16
N GLY B 376 -12.01 -14.67 2.35
CA GLY B 376 -13.06 -14.11 1.52
C GLY B 376 -12.32 -13.65 0.28
N TYR B 377 -13.03 -13.34 -0.80
CA TYR B 377 -12.38 -12.87 -2.01
C TYR B 377 -13.36 -12.09 -2.84
N LEU B 378 -12.84 -11.34 -3.81
CA LEU B 378 -13.68 -10.53 -4.69
C LEU B 378 -13.59 -11.01 -6.14
N THR B 379 -14.64 -10.76 -6.92
CA THR B 379 -14.61 -11.10 -8.34
C THR B 379 -15.03 -9.86 -9.10
N LEU B 380 -15.35 -10.03 -10.37
CA LEU B 380 -15.74 -8.90 -11.19
C LEU B 380 -17.04 -8.30 -10.72
N ASN B 381 -17.14 -6.99 -10.80
CA ASN B 381 -18.37 -6.34 -10.41
C ASN B 381 -18.68 -5.19 -11.35
N ASN B 382 -19.96 -4.89 -11.47
CA ASN B 382 -20.42 -3.79 -12.30
C ASN B 382 -21.31 -3.07 -11.31
N GLY B 383 -20.73 -2.14 -10.55
CA GLY B 383 -21.49 -1.45 -9.53
C GLY B 383 -21.51 -2.47 -8.40
N SER B 384 -22.66 -2.68 -7.77
CA SER B 384 -22.75 -3.65 -6.68
C SER B 384 -23.18 -5.02 -7.21
N GLN B 385 -23.39 -5.10 -8.53
CA GLN B 385 -23.81 -6.34 -9.16
C GLN B 385 -22.67 -7.14 -9.75
N ALA B 386 -22.94 -8.41 -10.02
CA ALA B 386 -21.96 -9.29 -10.61
C ALA B 386 -22.14 -9.23 -12.14
N VAL B 387 -21.26 -9.95 -12.85
CA VAL B 387 -21.34 -10.05 -14.31
C VAL B 387 -21.16 -11.53 -14.58
N CYS B 388 -21.28 -11.95 -15.83
CA CYS B 388 -21.18 -13.37 -16.11
C CYS B 388 -19.85 -14.06 -15.87
N ARG B 389 -18.76 -13.34 -16.07
CA ARG B 389 -17.45 -13.92 -15.85
C ARG B 389 -17.09 -13.96 -14.36
N SER B 390 -17.94 -13.40 -13.51
CA SER B 390 -17.70 -13.42 -12.06
C SER B 390 -17.60 -14.88 -11.65
N SER B 391 -16.58 -15.21 -10.89
CA SER B 391 -16.36 -16.57 -10.44
C SER B 391 -16.81 -16.85 -9.01
N PHE B 392 -17.24 -18.09 -8.80
CA PHE B 392 -17.65 -18.53 -7.49
C PHE B 392 -16.85 -19.80 -7.25
N TYR B 393 -16.11 -19.81 -6.15
CA TYR B 393 -15.32 -20.97 -5.82
C TYR B 393 -15.83 -21.59 -4.55
N CYS B 394 -16.02 -22.90 -4.60
CA CYS B 394 -16.44 -23.62 -3.42
C CYS B 394 -15.22 -24.43 -3.05
N LEU B 395 -14.69 -24.22 -1.85
CA LEU B 395 -13.48 -24.94 -1.43
C LEU B 395 -13.61 -26.43 -1.11
N GLU B 396 -14.81 -26.90 -0.78
CA GLU B 396 -14.98 -28.33 -0.50
C GLU B 396 -14.80 -29.14 -1.77
N TYR B 397 -14.97 -28.48 -2.92
CA TYR B 397 -14.81 -29.13 -4.20
C TYR B 397 -13.41 -29.73 -4.31
N PHE B 398 -12.43 -29.06 -3.70
CA PHE B 398 -11.04 -29.54 -3.73
C PHE B 398 -10.78 -30.56 -2.64
N PRO B 399 -9.81 -31.45 -2.84
CA PRO B 399 -9.49 -32.47 -1.84
C PRO B 399 -8.64 -31.89 -0.70
N SER B 400 -9.15 -31.98 0.53
CA SER B 400 -8.43 -31.46 1.68
C SER B 400 -8.02 -32.60 2.60
N GLN B 401 -7.27 -32.27 3.63
CA GLN B 401 -6.80 -33.24 4.59
C GLN B 401 -7.61 -33.08 5.89
N MET B 402 -8.00 -34.19 6.50
CA MET B 402 -8.77 -34.15 7.73
C MET B 402 -7.84 -34.39 8.90
N LEU B 403 -7.96 -33.56 9.93
CA LEU B 403 -7.12 -33.71 11.10
C LEU B 403 -7.93 -33.73 12.37
N ARG B 404 -7.71 -34.75 13.18
CA ARG B 404 -8.36 -34.82 14.48
C ARG B 404 -7.23 -34.72 15.49
N THR B 405 -7.58 -34.54 16.76
CA THR B 405 -6.56 -34.44 17.81
C THR B 405 -5.55 -35.57 17.65
N GLY B 406 -4.26 -35.21 17.59
CA GLY B 406 -3.24 -36.23 17.45
C GLY B 406 -2.62 -36.24 16.07
N ASN B 407 -3.38 -35.77 15.09
CA ASN B 407 -2.90 -35.69 13.71
C ASN B 407 -2.17 -34.37 13.55
N ASN B 408 -1.15 -34.36 12.69
CA ASN B 408 -0.43 -33.13 12.45
C ASN B 408 -0.29 -32.90 10.95
N PHE B 409 -0.06 -31.65 10.57
CA PHE B 409 0.06 -31.27 9.18
C PHE B 409 1.45 -30.69 8.86
N THR B 410 2.05 -31.15 7.77
CA THR B 410 3.35 -30.64 7.35
C THR B 410 3.30 -30.24 5.89
N PHE B 411 4.03 -29.20 5.55
CA PHE B 411 4.08 -28.70 4.19
C PHE B 411 5.44 -28.05 3.92
N SER B 412 6.13 -28.49 2.88
CA SER B 412 7.42 -27.90 2.53
C SER B 412 7.32 -27.21 1.18
N TYR B 413 7.95 -26.04 1.07
CA TYR B 413 7.92 -25.25 -0.15
C TYR B 413 9.29 -24.65 -0.47
N THR B 414 9.60 -24.57 -1.75
CA THR B 414 10.85 -24.00 -2.21
C THR B 414 10.54 -22.72 -2.97
N PHE B 415 11.22 -21.62 -2.64
CA PHE B 415 11.01 -20.37 -3.35
C PHE B 415 11.74 -20.44 -4.69
N GLU B 416 11.21 -19.74 -5.67
CA GLU B 416 11.83 -19.69 -6.99
C GLU B 416 12.99 -18.70 -6.91
N ASP B 417 13.87 -18.72 -7.91
CA ASP B 417 14.97 -17.78 -7.95
C ASP B 417 14.42 -16.38 -8.09
N VAL B 418 14.70 -15.55 -7.09
CA VAL B 418 14.23 -14.18 -7.09
C VAL B 418 15.47 -13.34 -6.76
N PRO B 419 15.50 -12.08 -7.19
CA PRO B 419 16.69 -11.26 -6.89
C PRO B 419 16.83 -11.02 -5.38
N PHE B 420 18.05 -10.81 -4.93
CA PHE B 420 18.29 -10.50 -3.52
C PHE B 420 17.72 -9.12 -3.27
N HIS B 421 17.17 -8.89 -2.09
CA HIS B 421 16.68 -7.55 -1.76
C HIS B 421 17.95 -6.76 -1.52
N SER B 422 17.95 -5.48 -1.85
CA SER B 422 19.17 -4.70 -1.63
C SER B 422 19.13 -3.99 -0.27
N SER B 423 19.83 -4.55 0.70
CA SER B 423 19.88 -4.01 2.06
C SER B 423 21.12 -3.15 2.23
N TYR B 424 21.16 -2.05 1.50
CA TYR B 424 22.29 -1.13 1.55
C TYR B 424 21.85 0.10 0.85
N ALA B 425 22.50 1.20 1.18
CA ALA B 425 22.21 2.48 0.57
C ALA B 425 23.44 2.72 -0.32
N HIS B 426 23.35 3.64 -1.27
CA HIS B 426 24.49 3.92 -2.13
C HIS B 426 25.30 5.09 -1.57
N SER B 427 26.63 4.98 -1.59
CA SER B 427 27.47 6.08 -1.08
C SER B 427 27.81 7.11 -2.17
N GLN B 428 27.18 6.97 -3.33
CA GLN B 428 27.37 7.91 -4.45
C GLN B 428 26.02 8.22 -5.05
N SER B 429 25.86 9.42 -5.59
CA SER B 429 24.62 9.74 -6.23
C SER B 429 24.85 9.64 -7.73
N LEU B 430 23.79 9.40 -8.50
CA LEU B 430 23.89 9.24 -9.94
C LEU B 430 24.48 10.45 -10.69
N ASP B 431 24.31 11.64 -10.15
CA ASP B 431 24.83 12.83 -10.79
C ASP B 431 26.22 13.23 -10.29
N ARG B 432 26.92 12.29 -9.62
CA ARG B 432 28.26 12.57 -9.10
C ARG B 432 29.17 11.39 -9.29
N LEU B 433 29.10 10.75 -10.45
CA LEU B 433 29.94 9.58 -10.71
C LEU B 433 31.25 9.88 -11.42
N MET B 434 31.48 11.15 -11.73
CA MET B 434 32.70 11.55 -12.42
C MET B 434 33.92 11.71 -11.50
N ASN B 435 35.08 11.88 -12.13
CA ASN B 435 36.35 12.14 -11.45
C ASN B 435 36.34 13.66 -11.40
N PRO B 436 36.31 14.26 -10.20
CA PRO B 436 36.29 15.72 -10.08
C PRO B 436 37.59 16.47 -10.41
N LEU B 437 38.65 15.72 -10.68
CA LEU B 437 39.92 16.36 -10.98
C LEU B 437 40.14 16.66 -12.46
N ILE B 438 39.60 15.79 -13.32
CA ILE B 438 39.78 15.90 -14.76
C ILE B 438 38.58 16.44 -15.51
N ASP B 439 38.80 17.33 -16.46
CA ASP B 439 37.72 17.86 -17.28
C ASP B 439 37.28 16.80 -18.30
N GLN B 440 36.11 17.00 -18.88
CA GLN B 440 35.60 16.08 -19.88
C GLN B 440 36.13 16.52 -21.25
N TYR B 441 36.27 15.58 -22.17
CA TYR B 441 36.72 15.95 -23.51
C TYR B 441 35.54 16.42 -24.36
N LEU B 442 34.32 16.19 -23.88
CA LEU B 442 33.12 16.59 -24.59
C LEU B 442 32.69 18.01 -24.24
N TYR B 443 32.00 18.65 -25.18
CA TYR B 443 31.54 20.00 -24.99
C TYR B 443 30.05 20.07 -24.80
N TYR B 444 29.58 21.17 -24.23
CA TYR B 444 28.17 21.40 -24.04
C TYR B 444 27.96 22.87 -24.37
N LEU B 445 26.76 23.24 -24.77
CA LEU B 445 26.45 24.62 -25.08
C LEU B 445 26.42 25.41 -23.78
N SER B 446 27.37 26.33 -23.60
CA SER B 446 27.45 27.08 -22.36
C SER B 446 26.94 28.52 -22.38
N ARG B 447 26.78 29.08 -23.56
CA ARG B 447 26.28 30.44 -23.70
C ARG B 447 25.54 30.55 -25.02
N THR B 448 24.54 31.42 -25.05
CA THR B 448 23.76 31.59 -26.24
C THR B 448 23.85 32.98 -26.86
N ASN B 449 24.11 33.98 -26.05
CA ASN B 449 24.24 35.32 -26.57
C ASN B 449 25.46 35.95 -25.92
N THR B 450 25.97 37.01 -26.52
CA THR B 450 27.17 37.67 -26.00
C THR B 450 27.04 39.18 -26.18
N PRO B 451 27.79 39.96 -25.37
CA PRO B 451 27.74 41.42 -25.48
C PRO B 451 28.11 41.89 -26.89
N SER B 452 27.30 42.81 -27.40
CA SER B 452 27.52 43.36 -28.74
C SER B 452 27.27 44.86 -28.67
N GLY B 453 28.29 45.60 -28.23
CA GLY B 453 28.16 47.04 -28.10
C GLY B 453 27.49 47.38 -26.78
N THR B 454 26.21 47.76 -26.84
CA THR B 454 25.47 48.11 -25.64
C THR B 454 24.47 47.02 -25.26
N THR B 455 24.11 46.18 -26.22
CA THR B 455 23.18 45.07 -26.00
C THR B 455 23.87 43.75 -26.30
N THR B 456 23.09 42.67 -26.33
CA THR B 456 23.64 41.35 -26.63
C THR B 456 23.48 41.02 -28.11
N GLN B 457 23.92 39.82 -28.49
CA GLN B 457 23.84 39.34 -29.86
C GLN B 457 23.83 37.82 -29.76
N SER B 458 23.13 37.15 -30.67
CA SER B 458 23.07 35.69 -30.64
C SER B 458 24.42 35.13 -31.05
N ARG B 459 24.96 34.22 -30.23
CA ARG B 459 26.25 33.61 -30.49
C ARG B 459 26.39 32.35 -29.66
N LEU B 460 26.51 31.19 -30.28
CA LEU B 460 26.64 29.94 -29.55
C LEU B 460 28.07 29.67 -29.11
N GLN B 461 28.26 29.37 -27.82
CA GLN B 461 29.58 29.09 -27.31
C GLN B 461 29.59 27.79 -26.52
N PHE B 462 30.69 27.07 -26.60
CA PHE B 462 30.78 25.78 -25.95
C PHE B 462 31.92 25.65 -24.95
N SER B 463 31.73 24.78 -23.96
CA SER B 463 32.73 24.57 -22.93
C SER B 463 32.82 23.10 -22.57
N GLN B 464 33.91 22.72 -21.93
CA GLN B 464 34.08 21.35 -21.48
C GLN B 464 33.79 21.46 -20.00
N ALA B 465 32.99 20.53 -19.47
CA ALA B 465 32.65 20.61 -18.07
C ALA B 465 33.70 19.96 -17.19
N GLY B 466 33.95 20.59 -16.05
CA GLY B 466 34.91 20.08 -15.09
C GLY B 466 34.18 20.03 -13.78
N ALA B 467 34.83 20.40 -12.68
CA ALA B 467 34.18 20.37 -11.39
C ALA B 467 33.37 21.63 -11.09
N SER B 468 33.73 22.76 -11.68
CA SER B 468 33.01 24.02 -11.43
C SER B 468 31.63 24.15 -12.10
N ASP B 469 31.40 23.33 -13.13
CA ASP B 469 30.12 23.32 -13.84
C ASP B 469 29.71 21.86 -13.91
N ILE B 470 29.83 21.20 -12.78
CA ILE B 470 29.53 19.79 -12.65
C ILE B 470 28.07 19.41 -13.05
N ARG B 471 27.16 20.37 -12.99
CA ARG B 471 25.77 20.08 -13.35
C ARG B 471 25.63 19.86 -14.86
N ASP B 472 26.53 20.44 -15.64
CA ASP B 472 26.51 20.36 -17.10
C ASP B 472 27.23 19.19 -17.71
N GLN B 473 27.82 18.33 -16.90
CA GLN B 473 28.52 17.20 -17.45
C GLN B 473 27.69 16.22 -18.26
N SER B 474 28.32 15.56 -19.22
CA SER B 474 27.67 14.56 -20.03
C SER B 474 27.66 13.30 -19.20
N ARG B 475 26.50 12.64 -19.11
CA ARG B 475 26.39 11.43 -18.32
C ARG B 475 25.82 10.29 -19.12
N ASN B 476 25.94 9.09 -18.59
CA ASN B 476 25.45 7.91 -19.27
C ASN B 476 24.13 7.37 -18.79
N TRP B 477 23.65 7.88 -17.65
CA TRP B 477 22.44 7.34 -17.04
C TRP B 477 21.42 8.35 -16.56
N LEU B 478 20.21 7.85 -16.33
CA LEU B 478 19.12 8.69 -15.87
C LEU B 478 18.49 8.16 -14.60
N PRO B 479 17.90 9.05 -13.79
CA PRO B 479 17.24 8.64 -12.54
C PRO B 479 16.03 7.80 -12.88
N GLY B 480 15.61 6.96 -11.93
CA GLY B 480 14.46 6.12 -12.15
C GLY B 480 13.17 6.86 -12.45
N PRO B 481 12.13 6.10 -12.83
CA PRO B 481 10.79 6.61 -13.17
C PRO B 481 10.04 7.28 -12.03
N CYS B 482 9.09 8.14 -12.38
CA CYS B 482 8.32 8.84 -11.35
C CYS B 482 6.84 9.03 -11.68
N TYR B 483 6.04 9.22 -10.64
CA TYR B 483 4.58 9.43 -10.74
C TYR B 483 4.27 10.32 -9.54
N ARG B 484 4.51 11.62 -9.70
CA ARG B 484 4.39 12.61 -8.64
C ARG B 484 3.27 12.58 -7.59
N GLN B 485 3.68 12.68 -6.33
CA GLN B 485 2.79 12.69 -5.16
C GLN B 485 2.73 14.09 -4.57
N GLN B 486 1.67 14.39 -3.83
CA GLN B 486 1.53 15.69 -3.16
C GLN B 486 2.41 15.63 -1.91
N ARG B 487 2.83 16.79 -1.41
CA ARG B 487 3.69 16.83 -0.23
C ARG B 487 2.98 17.33 1.02
N VAL B 488 3.03 16.56 2.10
CA VAL B 488 2.42 17.03 3.34
C VAL B 488 3.47 17.11 4.44
N SER B 489 3.25 18.02 5.38
CA SER B 489 4.17 18.25 6.49
C SER B 489 3.73 17.60 7.81
N LYS B 490 4.71 17.11 8.58
CA LYS B 490 4.41 16.51 9.88
C LYS B 490 4.08 17.63 10.85
N THR B 491 4.27 18.87 10.38
CA THR B 491 3.94 20.06 11.16
C THR B 491 2.63 20.57 10.57
N SER B 492 1.54 20.43 11.33
CA SER B 492 0.21 20.82 10.87
C SER B 492 0.03 22.26 10.35
N ALA B 493 0.87 23.19 10.78
CA ALA B 493 0.75 24.57 10.33
C ALA B 493 1.33 24.82 8.94
N ASP B 494 2.10 23.86 8.44
CA ASP B 494 2.71 23.99 7.12
C ASP B 494 1.76 23.53 6.02
N ASN B 495 0.67 22.89 6.42
CA ASN B 495 -0.31 22.36 5.48
C ASN B 495 -1.47 23.29 5.21
N ASN B 496 -2.11 23.11 4.07
CA ASN B 496 -3.26 23.91 3.66
C ASN B 496 -4.48 23.54 4.48
N ASN B 497 -5.33 24.52 4.77
CA ASN B 497 -6.53 24.29 5.55
C ASN B 497 -7.72 23.96 4.63
N SER B 498 -7.72 22.73 4.13
CA SER B 498 -8.78 22.26 3.24
C SER B 498 -8.74 20.74 3.22
N GLU B 499 -9.73 20.14 2.57
CA GLU B 499 -9.80 18.69 2.49
C GLU B 499 -9.30 18.21 1.13
N TYR B 500 -8.05 17.76 1.08
CA TYR B 500 -7.47 17.27 -0.17
C TYR B 500 -6.91 15.86 -0.01
N SER B 501 -7.36 15.12 1.00
CA SER B 501 -6.87 13.75 1.17
C SER B 501 -7.20 12.95 -0.09
N TRP B 502 -8.31 13.28 -0.74
CA TRP B 502 -8.69 12.58 -1.95
C TRP B 502 -8.54 13.46 -3.19
N THR B 503 -9.06 14.69 -3.13
CA THR B 503 -8.96 15.57 -4.27
C THR B 503 -7.53 15.90 -4.71
N GLY B 504 -6.57 15.78 -3.81
CA GLY B 504 -5.19 16.08 -4.15
C GLY B 504 -4.33 14.84 -4.22
N ALA B 505 -4.96 13.67 -4.19
CA ALA B 505 -4.22 12.43 -4.23
C ALA B 505 -3.82 11.96 -5.63
N THR B 506 -2.78 11.14 -5.66
CA THR B 506 -2.26 10.55 -6.88
C THR B 506 -3.08 9.26 -7.10
N LYS B 507 -3.79 9.22 -8.22
CA LYS B 507 -4.68 8.10 -8.54
C LYS B 507 -4.43 7.42 -9.86
N TYR B 508 -4.97 6.20 -9.98
CA TYR B 508 -4.94 5.49 -11.25
C TYR B 508 -6.40 5.22 -11.54
N HIS B 509 -6.77 5.26 -12.81
CA HIS B 509 -8.15 5.10 -13.27
C HIS B 509 -8.32 3.77 -14.01
N LEU B 510 -9.14 2.89 -13.47
CA LEU B 510 -9.34 1.59 -14.09
C LEU B 510 -10.83 1.26 -14.24
N ASN B 511 -11.26 0.94 -15.46
CA ASN B 511 -12.66 0.63 -15.77
C ASN B 511 -13.67 1.54 -15.08
N GLY B 512 -13.53 2.84 -15.29
CA GLY B 512 -14.47 3.77 -14.70
C GLY B 512 -14.26 4.18 -13.25
N ARG B 513 -13.43 3.47 -12.49
CA ARG B 513 -13.21 3.86 -11.10
C ARG B 513 -11.78 4.18 -10.68
N ASP B 514 -11.67 5.13 -9.76
CA ASP B 514 -10.40 5.58 -9.22
C ASP B 514 -9.93 4.84 -7.99
N SER B 515 -8.63 4.65 -7.90
CA SER B 515 -8.02 3.99 -6.76
C SER B 515 -6.86 4.89 -6.40
N LEU B 516 -6.53 4.90 -5.12
CA LEU B 516 -5.42 5.68 -4.65
C LEU B 516 -4.16 4.90 -5.04
N VAL B 517 -3.11 5.59 -5.46
CA VAL B 517 -1.86 4.90 -5.76
C VAL B 517 -1.18 4.97 -4.38
N ASN B 518 -0.90 3.81 -3.81
CA ASN B 518 -0.33 3.78 -2.47
C ASN B 518 0.29 2.44 -2.11
N PRO B 519 1.61 2.39 -1.94
CA PRO B 519 2.57 3.50 -2.09
C PRO B 519 2.90 3.30 -3.58
N GLY B 520 3.00 4.34 -4.38
CA GLY B 520 3.26 4.04 -5.77
C GLY B 520 4.65 3.57 -6.10
N PRO B 521 5.20 4.07 -7.21
CA PRO B 521 6.54 3.72 -7.68
C PRO B 521 7.55 4.18 -6.62
N ALA B 522 8.59 3.39 -6.39
CA ALA B 522 9.62 3.73 -5.40
C ALA B 522 10.30 5.08 -5.64
N MET B 523 10.07 6.03 -4.74
CA MET B 523 10.67 7.35 -4.86
C MET B 523 11.21 7.80 -3.50
N ALA B 524 12.07 8.80 -3.48
CA ALA B 524 12.61 9.29 -2.22
C ALA B 524 11.52 10.13 -1.58
N SER B 525 11.38 10.00 -0.26
CA SER B 525 10.35 10.72 0.48
C SER B 525 10.52 12.22 0.56
N HIS B 526 11.76 12.68 0.60
CA HIS B 526 12.03 14.10 0.68
C HIS B 526 13.46 14.33 0.27
N LYS B 527 13.81 15.58 -0.01
CA LYS B 527 15.17 15.88 -0.37
C LYS B 527 15.91 16.24 0.92
N ASP B 528 17.23 16.27 0.87
CA ASP B 528 18.05 16.59 2.03
C ASP B 528 17.56 17.77 2.86
N ASP B 529 17.52 17.54 4.18
CA ASP B 529 17.11 18.53 5.17
C ASP B 529 15.64 18.94 5.13
N GLU B 530 14.78 18.00 4.76
CA GLU B 530 13.34 18.26 4.69
C GLU B 530 12.67 17.00 5.19
N GLU B 531 13.20 16.51 6.31
CA GLU B 531 12.76 15.31 7.00
C GLU B 531 11.31 15.40 7.51
N LYS B 532 10.76 16.60 7.57
CA LYS B 532 9.38 16.80 8.05
C LYS B 532 8.32 16.60 6.96
N PHE B 533 8.74 16.49 5.71
CA PHE B 533 7.82 16.29 4.60
C PHE B 533 7.78 14.86 4.15
N PHE B 534 6.63 14.44 3.65
CA PHE B 534 6.46 13.10 3.11
C PHE B 534 5.35 13.11 2.04
N PRO B 535 5.40 12.15 1.11
CA PRO B 535 4.46 11.96 0.01
C PRO B 535 3.07 11.62 0.57
N GLN B 536 2.04 12.37 0.17
CA GLN B 536 0.69 12.14 0.66
C GLN B 536 0.33 10.65 0.76
N SER B 537 0.63 9.86 -0.27
CA SER B 537 0.37 8.42 -0.21
C SER B 537 1.54 7.66 -0.82
N GLY B 538 2.74 8.19 -0.63
CA GLY B 538 3.92 7.56 -1.18
C GLY B 538 4.78 6.73 -0.24
N VAL B 539 4.36 6.57 1.01
CA VAL B 539 5.14 5.76 1.95
C VAL B 539 4.27 4.80 2.73
N LEU B 540 4.88 3.75 3.26
CA LEU B 540 4.15 2.80 4.08
C LEU B 540 3.99 3.45 5.46
N ILE B 541 2.79 3.42 6.00
CA ILE B 541 2.54 3.99 7.33
C ILE B 541 2.03 2.91 8.29
N PHE B 542 2.80 2.63 9.33
CA PHE B 542 2.40 1.63 10.31
C PHE B 542 1.76 2.29 11.52
N GLY B 543 0.97 1.53 12.25
CA GLY B 543 0.34 2.10 13.43
C GLY B 543 1.14 1.76 14.67
N LYS B 544 1.12 2.65 15.66
CA LYS B 544 1.81 2.37 16.91
C LYS B 544 0.95 1.38 17.68
N GLN B 545 1.50 0.77 18.71
CA GLN B 545 0.70 -0.21 19.47
C GLN B 545 -0.60 0.38 20.02
N GLY B 546 -1.69 -0.35 19.80
CA GLY B 546 -2.98 0.08 20.29
C GLY B 546 -3.64 1.21 19.52
N SER B 547 -3.13 1.48 18.32
CA SER B 547 -3.68 2.54 17.48
C SER B 547 -5.01 2.09 16.92
N GLU B 548 -5.97 3.00 16.89
CA GLU B 548 -7.29 2.68 16.38
C GLU B 548 -7.32 2.57 14.86
N LYS B 549 -8.50 2.28 14.33
CA LYS B 549 -8.66 2.10 12.90
C LYS B 549 -8.93 3.35 12.07
N THR B 550 -9.62 4.35 12.61
CA THR B 550 -9.97 5.51 11.81
C THR B 550 -9.72 6.92 12.34
N ASN B 551 -9.27 7.78 11.43
CA ASN B 551 -8.96 9.18 11.70
C ASN B 551 -8.12 9.37 12.95
N VAL B 552 -7.06 8.59 13.00
CA VAL B 552 -6.10 8.57 14.06
C VAL B 552 -5.13 9.74 13.83
N ASP B 553 -4.69 10.41 14.89
CA ASP B 553 -3.76 11.54 14.74
C ASP B 553 -2.36 11.08 14.39
N ILE B 554 -1.57 11.98 13.81
CA ILE B 554 -0.22 11.65 13.38
C ILE B 554 0.71 11.05 14.44
N GLU B 555 0.44 11.30 15.73
CA GLU B 555 1.27 10.74 16.81
C GLU B 555 0.97 9.25 17.01
N LYS B 556 -0.13 8.79 16.44
CA LYS B 556 -0.51 7.39 16.57
C LYS B 556 0.08 6.51 15.48
N VAL B 557 0.71 7.11 14.47
CA VAL B 557 1.29 6.32 13.38
C VAL B 557 2.79 6.53 13.21
N MET B 558 3.44 5.59 12.56
CA MET B 558 4.87 5.67 12.32
C MET B 558 5.05 5.73 10.81
N ILE B 559 5.39 6.91 10.32
CA ILE B 559 5.59 7.15 8.91
C ILE B 559 7.01 6.80 8.50
N THR B 560 7.15 5.82 7.60
CA THR B 560 8.48 5.43 7.13
C THR B 560 8.98 6.51 6.16
N ASP B 561 10.23 6.41 5.76
CA ASP B 561 10.78 7.36 4.80
C ASP B 561 11.91 6.67 4.06
N GLU B 562 11.87 6.80 2.73
CA GLU B 562 12.84 6.18 1.85
C GLU B 562 13.92 7.14 1.37
N GLU B 563 14.54 7.90 2.27
CA GLU B 563 15.57 8.84 1.80
C GLU B 563 16.85 8.16 1.29
N GLU B 564 17.00 6.87 1.54
CA GLU B 564 18.18 6.16 1.08
C GLU B 564 18.29 6.08 -0.44
N ILE B 565 17.17 5.91 -1.11
CA ILE B 565 17.18 5.80 -2.56
C ILE B 565 17.26 7.13 -3.31
N ARG B 566 17.34 8.25 -2.59
CA ARG B 566 17.42 9.56 -3.24
C ARG B 566 18.66 9.69 -4.14
N THR B 567 19.55 8.71 -4.08
CA THR B 567 20.77 8.73 -4.89
C THR B 567 20.53 8.28 -6.33
N THR B 568 19.41 7.61 -6.59
CA THR B 568 19.08 7.13 -7.93
C THR B 568 17.63 7.41 -8.30
N ASN B 569 16.74 7.39 -7.32
CA ASN B 569 15.33 7.62 -7.58
C ASN B 569 14.97 9.07 -7.29
N PRO B 570 14.04 9.63 -8.07
CA PRO B 570 13.58 11.02 -7.93
C PRO B 570 12.86 11.21 -6.59
N VAL B 571 12.74 12.45 -6.13
CA VAL B 571 12.04 12.70 -4.89
C VAL B 571 10.55 12.63 -5.26
N ALA B 572 9.79 11.85 -4.51
CA ALA B 572 8.37 11.64 -4.75
C ALA B 572 7.49 12.87 -4.92
N THR B 573 7.89 13.99 -4.34
CA THR B 573 7.06 15.18 -4.39
C THR B 573 7.50 16.28 -5.34
N GLU B 574 8.49 16.00 -6.17
CA GLU B 574 8.95 16.99 -7.12
C GLU B 574 8.90 16.46 -8.54
N GLN B 575 9.10 17.36 -9.51
CA GLN B 575 9.08 16.95 -10.91
C GLN B 575 10.24 16.03 -11.23
N TYR B 576 10.09 15.19 -12.26
CA TYR B 576 11.16 14.28 -12.66
C TYR B 576 12.26 15.14 -13.23
N GLY B 577 11.87 16.21 -13.91
CA GLY B 577 12.82 17.10 -14.51
C GLY B 577 12.06 18.08 -15.37
N SER B 578 12.73 18.63 -16.38
CA SER B 578 12.07 19.56 -17.28
C SER B 578 12.41 19.15 -18.70
N VAL B 579 11.54 19.55 -19.62
CA VAL B 579 11.69 19.15 -21.01
C VAL B 579 11.33 20.33 -21.89
N SER B 580 11.88 20.37 -23.09
CA SER B 580 11.59 21.46 -24.02
C SER B 580 10.16 21.37 -24.54
N THR B 581 9.53 22.52 -24.76
CA THR B 581 8.14 22.55 -25.21
C THR B 581 7.91 23.13 -26.61
N ASN B 582 8.80 23.99 -27.08
CA ASN B 582 8.64 24.60 -28.40
C ASN B 582 9.94 24.58 -29.20
N LEU B 583 9.98 25.44 -30.22
CA LEU B 583 11.16 25.57 -31.09
C LEU B 583 11.51 27.05 -31.06
N GLN B 584 12.64 27.38 -30.42
CA GLN B 584 13.04 28.78 -30.35
C GLN B 584 13.58 29.30 -31.69
N ARG B 585 13.51 30.62 -31.86
CA ARG B 585 14.01 31.27 -33.06
C ARG B 585 14.12 32.76 -32.76
N GLY B 586 14.52 33.54 -33.76
CA GLY B 586 14.66 34.97 -33.57
C GLY B 586 13.61 35.69 -32.73
N ASN B 587 12.32 35.45 -33.03
CA ASN B 587 11.24 36.12 -32.32
C ASN B 587 10.42 35.23 -31.37
N ARG B 588 11.02 34.13 -30.94
CA ARG B 588 10.35 33.21 -30.03
C ARG B 588 11.38 32.63 -29.06
N GLN B 589 11.15 32.82 -27.77
CA GLN B 589 12.05 32.33 -26.72
C GLN B 589 11.83 30.88 -26.35
N ALA B 590 12.90 30.21 -25.95
CA ALA B 590 12.83 28.80 -25.56
C ALA B 590 11.88 28.64 -24.36
N ALA B 591 10.97 27.68 -24.47
CA ALA B 591 10.01 27.40 -23.41
C ALA B 591 10.18 25.98 -22.93
N THR B 592 9.96 25.76 -21.64
CA THR B 592 10.14 24.43 -21.07
C THR B 592 8.98 24.07 -20.14
N ALA B 593 8.86 22.78 -19.81
CA ALA B 593 7.80 22.32 -18.92
C ALA B 593 8.29 21.29 -17.92
N ASP B 594 7.64 21.24 -16.77
CA ASP B 594 7.98 20.27 -15.73
C ASP B 594 7.34 18.94 -16.11
N VAL B 595 8.04 17.84 -15.87
CA VAL B 595 7.44 16.56 -16.17
C VAL B 595 7.12 15.89 -14.83
N ASN B 596 5.83 15.76 -14.56
CA ASN B 596 5.33 15.17 -13.32
C ASN B 596 5.06 13.68 -13.42
N THR B 597 5.30 13.11 -14.59
CA THR B 597 5.10 11.69 -14.81
C THR B 597 6.18 11.26 -15.78
N GLN B 598 6.89 10.19 -15.50
CA GLN B 598 7.93 9.74 -16.38
C GLN B 598 8.04 8.23 -16.44
N GLY B 599 7.68 7.67 -17.59
CA GLY B 599 7.76 6.24 -17.76
C GLY B 599 9.21 5.89 -18.00
N VAL B 600 9.54 4.62 -17.90
CA VAL B 600 10.90 4.18 -18.08
C VAL B 600 11.54 4.55 -19.42
N LEU B 601 12.78 5.01 -19.38
CA LEU B 601 13.53 5.36 -20.58
C LEU B 601 14.77 4.52 -20.60
N PRO B 602 15.32 4.24 -21.80
CA PRO B 602 16.54 3.45 -21.86
C PRO B 602 17.63 4.23 -21.09
N GLY B 603 18.44 3.52 -20.30
CA GLY B 603 19.47 4.19 -19.53
C GLY B 603 19.02 4.60 -18.13
N MET B 604 17.79 4.27 -17.75
CA MET B 604 17.31 4.59 -16.40
C MET B 604 17.73 3.52 -15.41
N VAL B 605 18.09 3.93 -14.19
CA VAL B 605 18.45 2.98 -13.15
C VAL B 605 17.66 3.37 -11.90
N TRP B 606 17.41 2.41 -11.02
CA TRP B 606 16.68 2.74 -9.81
C TRP B 606 16.81 1.65 -8.77
N GLN B 607 16.42 2.03 -7.56
CA GLN B 607 16.39 1.11 -6.43
C GLN B 607 14.92 0.86 -6.09
N ASP B 608 14.59 -0.37 -5.72
CA ASP B 608 13.22 -0.67 -5.33
C ASP B 608 12.97 -0.22 -3.89
N ARG B 609 11.71 -0.24 -3.45
CA ARG B 609 11.38 0.18 -2.09
C ARG B 609 11.99 -0.75 -1.05
N ASP B 610 12.27 -0.20 0.12
CA ASP B 610 12.87 -0.97 1.21
C ASP B 610 11.83 -1.85 1.90
N VAL B 611 12.29 -2.90 2.55
CA VAL B 611 11.40 -3.76 3.30
C VAL B 611 11.62 -3.43 4.78
N TYR B 612 10.60 -3.64 5.59
CA TYR B 612 10.69 -3.34 7.01
C TYR B 612 10.45 -4.55 7.85
N LEU B 613 10.79 -4.44 9.14
CA LEU B 613 10.62 -5.55 10.05
C LEU B 613 9.12 -5.84 10.16
N GLN B 614 8.31 -4.79 10.17
CA GLN B 614 6.87 -4.97 10.26
C GLN B 614 6.15 -4.89 8.91
N GLY B 615 6.91 -5.05 7.81
CA GLY B 615 6.31 -4.97 6.50
C GLY B 615 6.17 -6.32 5.82
N PRO B 616 5.60 -6.33 4.61
CA PRO B 616 5.35 -7.50 3.77
C PRO B 616 6.60 -8.19 3.28
N ILE B 617 6.52 -9.50 3.15
CA ILE B 617 7.67 -10.20 2.61
C ILE B 617 7.54 -10.40 1.10
N TRP B 618 6.44 -10.98 0.65
CA TRP B 618 6.25 -11.26 -0.77
C TRP B 618 4.87 -10.89 -1.29
N ALA B 619 4.69 -11.04 -2.59
CA ALA B 619 3.41 -10.79 -3.24
C ALA B 619 3.40 -11.70 -4.44
N LYS B 620 2.22 -12.11 -4.87
CA LYS B 620 2.11 -12.95 -6.05
C LYS B 620 2.05 -12.01 -7.25
N ILE B 621 2.91 -12.26 -8.23
CA ILE B 621 2.92 -11.44 -9.45
C ILE B 621 1.64 -11.79 -10.21
N PRO B 622 0.84 -10.78 -10.58
CA PRO B 622 -0.40 -11.07 -11.33
C PRO B 622 -0.11 -11.90 -12.56
N HIS B 623 -1.03 -12.80 -12.86
CA HIS B 623 -0.92 -13.68 -14.02
C HIS B 623 -1.37 -12.89 -15.25
N THR B 624 -0.43 -12.22 -15.91
CA THR B 624 -0.73 -11.38 -17.08
C THR B 624 0.26 -11.62 -18.20
N ASP B 625 -0.03 -11.08 -19.38
CA ASP B 625 0.87 -11.25 -20.53
C ASP B 625 2.17 -10.49 -20.31
N GLY B 626 2.05 -9.28 -19.77
CA GLY B 626 3.22 -8.47 -19.52
C GLY B 626 3.24 -7.81 -18.15
N HIS B 627 4.39 -7.82 -17.50
CA HIS B 627 4.55 -7.17 -16.19
C HIS B 627 5.96 -6.68 -16.07
N PHE B 628 6.14 -5.37 -16.21
CA PHE B 628 7.47 -4.77 -16.13
C PHE B 628 8.06 -4.69 -14.73
N HIS B 629 9.25 -5.27 -14.55
CA HIS B 629 9.95 -5.26 -13.26
C HIS B 629 8.96 -5.54 -12.13
N PRO B 630 8.52 -6.80 -12.00
CA PRO B 630 7.57 -7.26 -11.00
C PRO B 630 8.06 -7.32 -9.55
N SER B 631 8.33 -6.15 -8.99
CA SER B 631 8.74 -6.03 -7.62
C SER B 631 7.52 -5.35 -7.00
N PRO B 632 6.82 -6.04 -6.08
CA PRO B 632 5.61 -5.52 -5.41
C PRO B 632 5.82 -4.09 -4.94
N LEU B 633 4.94 -3.18 -5.33
CA LEU B 633 5.14 -1.80 -4.92
C LEU B 633 5.18 -1.50 -3.44
N MET B 634 4.58 -2.36 -2.61
CA MET B 634 4.61 -2.14 -1.15
C MET B 634 5.98 -2.57 -0.64
N GLY B 635 6.70 -3.36 -1.44
CA GLY B 635 8.02 -3.80 -1.05
C GLY B 635 8.09 -5.30 -0.93
N GLY B 636 9.26 -5.88 -1.20
CA GLY B 636 9.37 -7.31 -1.06
C GLY B 636 9.73 -8.10 -2.30
N PHE B 637 9.43 -9.39 -2.25
CA PHE B 637 9.73 -10.29 -3.34
C PHE B 637 8.53 -10.62 -4.20
N GLY B 638 8.61 -10.27 -5.48
CA GLY B 638 7.53 -10.58 -6.40
C GLY B 638 7.73 -12.03 -6.82
N LEU B 639 6.71 -12.86 -6.63
CA LEU B 639 6.82 -14.27 -6.97
C LEU B 639 5.71 -14.74 -7.88
N LYS B 640 6.09 -15.56 -8.84
CA LYS B 640 5.16 -16.14 -9.80
C LYS B 640 4.35 -17.16 -9.04
N HIS B 641 5.06 -17.98 -8.29
CA HIS B 641 4.46 -19.05 -7.50
C HIS B 641 4.79 -18.87 -6.04
N PRO B 642 4.10 -17.95 -5.36
CA PRO B 642 4.31 -17.65 -3.94
C PRO B 642 3.94 -18.80 -2.99
N PRO B 643 4.29 -18.66 -1.70
CA PRO B 643 3.92 -19.74 -0.77
C PRO B 643 2.38 -19.83 -0.89
N PRO B 644 1.85 -21.03 -1.14
CA PRO B 644 0.40 -21.21 -1.29
C PRO B 644 -0.44 -20.90 -0.06
N GLN B 645 -1.68 -20.49 -0.29
CA GLN B 645 -2.61 -20.22 0.78
C GLN B 645 -2.95 -21.53 1.48
N ILE B 646 -2.85 -21.53 2.80
CA ILE B 646 -3.19 -22.72 3.58
C ILE B 646 -4.46 -22.40 4.32
N LEU B 647 -5.55 -22.96 3.83
CA LEU B 647 -6.87 -22.74 4.38
C LEU B 647 -7.27 -23.84 5.33
N ILE B 648 -8.01 -23.46 6.36
CA ILE B 648 -8.41 -24.40 7.39
C ILE B 648 -9.82 -24.09 7.88
N LYS B 649 -10.57 -25.13 8.24
CA LYS B 649 -11.90 -24.94 8.78
C LYS B 649 -12.37 -26.11 9.63
N ASN B 650 -13.23 -25.81 10.60
CA ASN B 650 -13.80 -26.81 11.51
C ASN B 650 -14.89 -27.57 10.77
N THR B 651 -14.81 -28.90 10.73
CA THR B 651 -15.83 -29.71 10.08
C THR B 651 -17.15 -29.51 10.82
N PRO B 652 -18.25 -29.27 10.11
CA PRO B 652 -19.51 -29.07 10.83
C PRO B 652 -19.99 -30.36 11.50
N VAL B 653 -20.58 -30.20 12.68
CA VAL B 653 -21.11 -31.34 13.40
C VAL B 653 -22.55 -30.98 13.75
N PRO B 654 -23.50 -31.67 13.08
CA PRO B 654 -24.95 -31.47 13.27
C PRO B 654 -25.40 -31.67 14.72
N ALA B 655 -26.36 -30.88 15.16
CA ALA B 655 -26.91 -31.03 16.49
C ALA B 655 -27.99 -32.11 16.34
N ASN B 656 -28.76 -32.37 17.39
CA ASN B 656 -29.81 -33.39 17.38
C ASN B 656 -30.85 -33.30 16.24
N PRO B 657 -30.80 -34.24 15.28
CA PRO B 657 -31.73 -34.25 14.14
C PRO B 657 -33.11 -34.79 14.51
N SER B 658 -34.14 -34.37 13.78
CA SER B 658 -35.48 -34.85 14.05
C SER B 658 -35.54 -36.34 13.71
N THR B 659 -36.53 -37.05 14.25
CA THR B 659 -36.62 -38.47 13.98
C THR B 659 -37.46 -38.81 12.76
N THR B 660 -37.94 -37.79 12.06
CA THR B 660 -38.68 -38.02 10.82
C THR B 660 -37.85 -37.31 9.78
N PHE B 661 -37.64 -37.97 8.64
CA PHE B 661 -36.85 -37.39 7.57
C PHE B 661 -37.33 -36.02 7.13
N SER B 662 -36.36 -35.18 6.78
CA SER B 662 -36.62 -33.83 6.28
C SER B 662 -35.55 -33.56 5.26
N ALA B 663 -35.96 -33.14 4.06
CA ALA B 663 -35.02 -32.86 2.97
C ALA B 663 -34.39 -31.49 3.15
N ALA B 664 -34.99 -30.66 4.00
CA ALA B 664 -34.49 -29.32 4.28
C ALA B 664 -33.04 -29.36 4.72
N LYS B 665 -32.33 -28.30 4.37
CA LYS B 665 -30.92 -28.14 4.70
C LYS B 665 -30.73 -28.10 6.23
N PHE B 666 -29.75 -28.83 6.72
CA PHE B 666 -29.45 -28.86 8.14
C PHE B 666 -28.98 -27.49 8.63
N ALA B 667 -29.67 -26.91 9.60
CA ALA B 667 -29.30 -25.59 10.10
C ALA B 667 -28.91 -25.51 11.58
N SER B 668 -28.98 -26.63 12.31
CA SER B 668 -28.61 -26.62 13.72
C SER B 668 -27.31 -27.39 13.92
N PHE B 669 -26.33 -26.71 14.48
CA PHE B 669 -25.02 -27.31 14.69
C PHE B 669 -24.53 -27.22 16.11
N ILE B 670 -23.57 -28.09 16.42
CA ILE B 670 -22.96 -28.10 17.73
C ILE B 670 -21.86 -27.03 17.69
N THR B 671 -21.98 -26.01 18.53
CA THR B 671 -21.01 -24.92 18.58
C THR B 671 -19.59 -25.37 18.94
N GLN B 672 -18.62 -25.02 18.11
CA GLN B 672 -17.26 -25.36 18.41
C GLN B 672 -16.19 -24.49 17.79
N TYR B 673 -14.95 -24.75 18.19
CA TYR B 673 -13.81 -24.03 17.66
C TYR B 673 -12.61 -24.91 17.85
N SER B 674 -11.53 -24.64 17.11
CA SER B 674 -10.35 -25.44 17.28
C SER B 674 -9.20 -24.56 17.70
N THR B 675 -8.07 -25.17 18.03
CA THR B 675 -6.93 -24.41 18.47
C THR B 675 -5.76 -25.35 18.35
N GLY B 676 -4.57 -24.79 18.24
CA GLY B 676 -3.40 -25.65 18.11
C GLY B 676 -2.14 -24.83 17.95
N GLN B 677 -1.07 -25.49 17.54
CA GLN B 677 0.19 -24.79 17.32
C GLN B 677 0.48 -24.73 15.84
N VAL B 678 1.20 -23.69 15.44
CA VAL B 678 1.61 -23.54 14.04
C VAL B 678 3.06 -23.11 14.08
N SER B 679 3.89 -23.75 13.28
CA SER B 679 5.28 -23.34 13.23
C SER B 679 5.72 -23.15 11.78
N VAL B 680 6.38 -22.02 11.52
CA VAL B 680 6.88 -21.71 10.19
C VAL B 680 8.39 -21.57 10.27
N GLU B 681 9.10 -22.32 9.43
CA GLU B 681 10.56 -22.26 9.41
C GLU B 681 11.04 -21.85 8.01
N ILE B 682 11.64 -20.67 7.90
CA ILE B 682 12.14 -20.21 6.61
C ILE B 682 13.65 -20.15 6.57
N GLU B 683 14.21 -20.64 5.47
CA GLU B 683 15.65 -20.58 5.27
C GLU B 683 15.91 -19.40 4.36
N TRP B 684 16.78 -18.49 4.78
CA TRP B 684 17.11 -17.31 3.97
C TRP B 684 18.55 -17.35 3.49
N GLU B 685 18.78 -16.91 2.25
CA GLU B 685 20.15 -16.88 1.72
C GLU B 685 20.66 -15.46 1.92
N LEU B 686 21.94 -15.33 2.26
CA LEU B 686 22.52 -14.02 2.50
C LEU B 686 23.70 -13.66 1.61
N GLN B 687 23.92 -12.35 1.44
CA GLN B 687 25.07 -11.86 0.71
C GLN B 687 25.80 -11.06 1.77
N LYS B 688 26.86 -11.64 2.35
CA LYS B 688 27.62 -10.95 3.38
C LYS B 688 28.21 -9.64 2.91
N GLU B 689 28.16 -8.65 3.79
CA GLU B 689 28.72 -7.33 3.55
C GLU B 689 30.24 -7.53 3.45
N ASN B 690 30.88 -6.83 2.52
CA ASN B 690 32.32 -6.98 2.34
C ASN B 690 32.94 -5.63 1.94
N SER B 691 32.61 -4.59 2.69
CA SER B 691 33.09 -3.25 2.36
C SER B 691 34.56 -2.99 2.68
N LYS B 692 35.25 -2.36 1.73
CA LYS B 692 36.66 -2.03 1.85
C LYS B 692 36.85 -0.55 2.14
N ARG B 693 35.77 0.09 2.55
CA ARG B 693 35.73 1.49 2.91
C ARG B 693 36.68 1.65 4.12
N TRP B 694 37.17 2.85 4.39
CA TRP B 694 38.09 3.01 5.50
C TRP B 694 37.43 3.50 6.80
N ASN B 695 36.57 4.49 6.70
CA ASN B 695 35.88 5.01 7.87
C ASN B 695 34.74 4.07 8.26
N PRO B 696 34.22 4.19 9.49
CA PRO B 696 33.12 3.32 9.96
C PRO B 696 31.78 3.62 9.28
N GLU B 697 30.96 2.58 9.14
CA GLU B 697 29.63 2.67 8.52
C GLU B 697 28.54 3.01 9.53
N ILE B 698 27.33 3.09 9.01
CA ILE B 698 26.16 3.32 9.83
C ILE B 698 25.59 1.94 10.14
N GLN B 699 25.18 1.76 11.39
CA GLN B 699 24.63 0.49 11.84
C GLN B 699 23.36 0.80 12.58
N TYR B 700 22.41 -0.12 12.57
CA TYR B 700 21.20 0.07 13.35
C TYR B 700 21.61 -0.23 14.80
N THR B 701 21.24 0.63 15.75
CA THR B 701 21.60 0.40 17.14
C THR B 701 20.53 0.88 18.10
N SER B 702 20.44 0.24 19.27
CA SER B 702 19.48 0.67 20.28
C SER B 702 20.05 1.92 20.93
N ASN B 703 19.20 2.74 21.55
CA ASN B 703 19.67 3.96 22.19
C ASN B 703 20.30 3.60 23.53
N TYR B 704 21.58 3.91 23.70
CA TYR B 704 22.30 3.56 24.92
C TYR B 704 21.89 4.24 26.23
N ASN B 705 21.06 5.29 26.16
CA ASN B 705 20.63 5.98 27.37
C ASN B 705 19.57 5.22 28.16
N LYS B 706 19.28 5.69 29.36
CA LYS B 706 18.29 5.08 30.24
C LYS B 706 16.87 5.39 29.75
N SER B 707 15.94 4.49 30.02
CA SER B 707 14.54 4.66 29.63
C SER B 707 13.61 3.85 30.53
N VAL B 708 12.37 4.32 30.67
CA VAL B 708 11.38 3.64 31.50
C VAL B 708 11.10 2.22 30.97
N ASN B 709 11.03 2.08 29.65
CA ASN B 709 10.78 0.80 29.01
C ASN B 709 11.90 0.56 28.00
N VAL B 710 12.16 -0.71 27.71
CA VAL B 710 13.18 -1.10 26.73
C VAL B 710 12.41 -1.25 25.39
N ASP B 711 13.01 -0.82 24.28
CA ASP B 711 12.36 -0.93 22.96
C ASP B 711 12.22 -2.39 22.54
N PHE B 712 11.08 -2.73 21.93
CA PHE B 712 10.81 -4.09 21.46
C PHE B 712 10.74 -5.05 22.63
N THR B 713 10.03 -4.61 23.65
CA THR B 713 9.86 -5.38 24.87
C THR B 713 8.38 -5.26 25.28
N VAL B 714 8.01 -5.96 26.34
CA VAL B 714 6.65 -5.90 26.87
C VAL B 714 6.65 -4.84 27.97
N ASP B 715 5.53 -4.17 28.19
CA ASP B 715 5.47 -3.17 29.23
C ASP B 715 5.07 -3.81 30.57
N THR B 716 4.72 -2.98 31.53
CA THR B 716 4.34 -3.47 32.85
C THR B 716 3.04 -4.30 32.85
N ASN B 717 2.29 -4.28 31.74
CA ASN B 717 1.03 -5.03 31.61
C ASN B 717 1.13 -6.24 30.70
N GLY B 718 2.32 -6.49 30.16
CA GLY B 718 2.49 -7.63 29.30
C GLY B 718 2.25 -7.35 27.82
N VAL B 719 2.06 -6.09 27.47
CA VAL B 719 1.82 -5.70 26.08
C VAL B 719 3.10 -5.45 25.28
N TYR B 720 3.27 -6.20 24.20
CA TYR B 720 4.43 -6.06 23.33
C TYR B 720 4.21 -4.93 22.34
N SER B 721 5.25 -4.16 22.07
CA SER B 721 5.13 -3.07 21.11
C SER B 721 6.39 -2.91 20.29
N GLU B 722 6.22 -2.40 19.07
CA GLU B 722 7.31 -2.13 18.14
C GLU B 722 7.27 -0.60 18.05
N PRO B 723 8.21 0.09 18.72
CA PRO B 723 8.38 1.55 18.81
C PRO B 723 8.62 2.30 17.50
N ARG B 724 9.28 1.66 16.55
CA ARG B 724 9.58 2.33 15.30
C ARG B 724 9.70 1.32 14.17
N PRO B 725 9.69 1.81 12.92
CA PRO B 725 9.81 0.93 11.76
C PRO B 725 11.30 0.73 11.53
N ILE B 726 11.74 -0.49 11.29
CA ILE B 726 13.16 -0.67 11.02
C ILE B 726 13.35 -1.13 9.59
N GLY B 727 14.01 -0.28 8.80
CA GLY B 727 14.29 -0.61 7.43
C GLY B 727 15.44 -1.59 7.30
N THR B 728 16.01 -1.66 6.12
CA THR B 728 17.08 -2.61 5.88
C THR B 728 18.34 -1.96 5.29
N ARG B 729 18.32 -0.65 5.08
CA ARG B 729 19.46 0.01 4.45
C ARG B 729 20.38 0.86 5.33
N TYR B 730 21.31 0.18 5.98
CA TYR B 730 22.27 0.82 6.86
C TYR B 730 23.63 0.77 6.21
N LEU B 731 24.02 -0.42 5.76
CA LEU B 731 25.29 -0.59 5.09
C LEU B 731 25.32 0.22 3.81
N THR B 732 26.51 0.48 3.30
CA THR B 732 26.68 1.28 2.12
C THR B 732 27.52 0.62 1.04
N ARG B 733 27.21 0.93 -0.21
CA ARG B 733 27.93 0.40 -1.38
C ARG B 733 28.06 1.58 -2.31
N ASN B 734 29.00 1.54 -3.25
CA ASN B 734 29.03 2.65 -4.17
C ASN B 734 28.27 2.27 -5.44
N LEU B 735 27.94 3.29 -6.23
CA LEU B 735 27.16 3.16 -7.47
C LEU B 735 27.94 2.71 -8.71
MG MG C . -29.91 2.79 -7.29
#